data_9MBI
#
_entry.id   9MBI
#
_cell.length_a   46.497
_cell.length_b   47.637
_cell.length_c   123.839
_cell.angle_alpha   90.000
_cell.angle_beta   90.000
_cell.angle_gamma   90.000
#
_symmetry.space_group_name_H-M   'P 21 21 21'
#
loop_
_entity.id
_entity.type
_entity.pdbx_description
1 polymer '7,8-dihydro-8-oxoguanine triphosphatase'
2 non-polymer 'MANGANESE (II) ION'
3 non-polymer "8-OXO-2'-DEOXYGUANOSINE-5'-TRIPHOSPHATE"
4 non-polymer "8-OXO-2'-DEOXY-GUANOSINE-5'-MONOPHOSPHATE"
5 water water
#
_entity_poly.entity_id   1
_entity_poly.type   'polypeptide(L)'
_entity_poly.pdbx_seq_one_letter_code
;MKASRLYTLVLVLQPQRVLLGMKKRGFGAGRWNGFGGKVQEGETIEDGARRELQEESGLTVDALHKVGQIVFEFVGEPEL
MDVHVFCTDSIQGTPVESDEMRPCWFQLDQIPFKDMWPDDSYWFPLLLQKKKFHGYFKFQGQDTILDYTLREVDTV
;
_entity_poly.pdbx_strand_id   A,B
#
loop_
_chem_comp.id
_chem_comp.type
_chem_comp.name
_chem_comp.formula
8DG non-polymer 8-OXO-2'-DEOXYGUANOSINE-5'-TRIPHOSPHATE 'C10 H16 N5 O14 P3'
8OG DNA linking 8-OXO-2'-DEOXY-GUANOSINE-5'-MONOPHOSPHATE 'C10 H14 N5 O8 P'
MN non-polymer 'MANGANESE (II) ION' 'Mn 2'
#
# COMPACT_ATOMS: atom_id res chain seq x y z
N MET A 1 8.99 4.90 -13.43
CA MET A 1 8.73 3.99 -12.29
C MET A 1 9.85 4.10 -11.25
N LYS A 2 9.49 4.35 -9.99
N LYS A 2 9.48 4.33 -10.00
CA LYS A 2 10.45 4.40 -8.90
CA LYS A 2 10.40 4.35 -8.90
C LYS A 2 10.08 3.36 -7.85
C LYS A 2 10.10 3.18 -7.97
N ALA A 3 11.09 2.84 -7.16
CA ALA A 3 10.90 1.98 -6.02
C ALA A 3 10.52 2.83 -4.81
N SER A 4 9.83 2.19 -3.87
CA SER A 4 9.39 2.84 -2.65
C SER A 4 9.80 2.01 -1.43
N ARG A 5 10.03 2.72 -0.34
CA ARG A 5 10.32 2.11 0.96
C ARG A 5 9.17 2.42 1.91
N LEU A 6 8.79 1.42 2.70
CA LEU A 6 7.68 1.54 3.62
C LEU A 6 8.05 2.23 4.92
N TYR A 7 7.22 3.19 5.31
CA TYR A 7 7.31 3.90 6.57
C TYR A 7 5.93 3.94 7.21
N THR A 8 5.92 4.18 8.52
CA THR A 8 4.68 4.35 9.27
C THR A 8 4.63 5.73 9.91
N LEU A 9 3.41 6.15 10.25
CA LEU A 9 3.19 7.39 10.96
C LEU A 9 1.95 7.20 11.80
N VAL A 10 2.03 7.49 13.10
CA VAL A 10 0.95 7.25 14.05
C VAL A 10 0.58 8.53 14.76
N LEU A 11 -0.70 8.88 14.71
CA LEU A 11 -1.25 10.02 15.40
C LEU A 11 -2.14 9.54 16.52
N VAL A 12 -1.80 9.91 17.76
CA VAL A 12 -2.64 9.64 18.92
C VAL A 12 -3.58 10.83 19.02
N LEU A 13 -4.79 10.64 18.50
CA LEU A 13 -5.79 11.69 18.36
C LEU A 13 -6.94 11.41 19.32
N GLN A 14 -7.09 12.27 20.31
CA GLN A 14 -8.14 12.20 21.31
C GLN A 14 -9.19 13.27 21.01
N PRO A 15 -10.28 13.34 21.78
CA PRO A 15 -11.37 14.22 21.36
C PRO A 15 -11.00 15.69 21.26
N GLN A 16 -10.05 16.16 22.09
N GLN A 16 -10.03 16.16 22.05
CA GLN A 16 -9.71 17.55 22.20
CA GLN A 16 -9.71 17.58 22.07
C GLN A 16 -8.23 17.84 22.03
C GLN A 16 -8.21 17.84 22.02
N ARG A 17 -7.40 16.81 21.81
CA ARG A 17 -5.97 17.00 21.75
C ARG A 17 -5.34 15.91 20.89
N VAL A 18 -4.12 16.18 20.46
CA VAL A 18 -3.32 15.24 19.69
C VAL A 18 -1.92 15.22 20.26
N LEU A 19 -1.32 14.02 20.31
CA LEU A 19 0.03 13.89 20.76
C LEU A 19 0.93 13.99 19.54
N LEU A 20 1.89 14.91 19.61
CA LEU A 20 2.94 14.99 18.60
C LEU A 20 4.27 14.83 19.31
N GLY A 21 5.31 14.61 18.53
CA GLY A 21 6.66 14.57 19.07
C GLY A 21 7.55 15.51 18.30
N MET A 22 8.41 16.21 19.02
CA MET A 22 9.40 17.05 18.39
C MET A 22 10.56 16.15 17.99
N LYS A 23 10.83 16.07 16.69
CA LYS A 23 11.89 15.22 16.20
C LYS A 23 13.22 15.84 16.54
N LYS A 24 14.02 15.11 17.31
CA LYS A 24 15.23 15.65 17.90
C LYS A 24 16.47 15.46 17.02
N ARG A 25 16.41 14.57 16.04
CA ARG A 25 17.51 14.36 15.11
C ARG A 25 16.98 13.61 13.90
N GLY A 26 17.83 13.47 12.90
CA GLY A 26 17.47 12.69 11.73
C GLY A 26 16.46 13.40 10.83
N PHE A 27 15.67 12.59 10.13
CA PHE A 27 14.82 13.08 9.06
C PHE A 27 13.66 13.88 9.64
N GLY A 28 13.50 15.11 9.17
CA GLY A 28 12.46 15.97 9.70
C GLY A 28 12.76 16.53 11.07
N ALA A 29 14.03 16.54 11.48
CA ALA A 29 14.40 17.11 12.76
C ALA A 29 13.91 18.55 12.88
N GLY A 30 13.39 18.91 14.06
CA GLY A 30 12.91 20.24 14.31
C GLY A 30 11.45 20.45 14.02
N ARG A 31 10.77 19.44 13.50
CA ARG A 31 9.35 19.52 13.24
C ARG A 31 8.59 18.57 14.16
N TRP A 32 7.46 19.06 14.65
CA TRP A 32 6.50 18.24 15.35
C TRP A 32 5.91 17.24 14.37
N ASN A 33 5.65 16.01 14.84
CA ASN A 33 5.13 14.98 13.96
C ASN A 33 4.51 13.88 14.79
N GLY A 34 3.76 13.01 14.11
CA GLY A 34 3.44 11.73 14.69
C GLY A 34 4.67 10.87 14.78
N PHE A 35 4.48 9.67 15.32
CA PHE A 35 5.56 8.74 15.61
C PHE A 35 5.62 7.66 14.54
N GLY A 36 6.81 7.25 14.17
CA GLY A 36 6.91 6.23 13.13
C GLY A 36 8.32 6.13 12.58
N GLY A 37 8.45 5.24 11.61
CA GLY A 37 9.74 4.97 11.01
C GLY A 37 9.62 3.89 9.98
N LYS A 38 10.75 3.26 9.65
N LYS A 38 10.76 3.30 9.62
CA LYS A 38 10.77 2.27 8.60
CA LYS A 38 10.76 2.26 8.61
C LYS A 38 10.15 0.96 9.06
C LYS A 38 10.03 1.02 9.11
N VAL A 39 9.30 0.37 8.21
CA VAL A 39 8.81 -0.97 8.45
C VAL A 39 9.95 -1.94 8.28
N GLN A 40 10.03 -2.91 9.19
CA GLN A 40 11.08 -3.92 9.17
C GLN A 40 10.59 -5.21 8.54
N GLU A 41 11.54 -6.03 8.08
CA GLU A 41 11.18 -7.30 7.46
C GLU A 41 10.46 -8.18 8.47
N GLY A 42 9.35 -8.79 8.05
CA GLY A 42 8.66 -9.77 8.85
C GLY A 42 7.44 -9.27 9.58
N GLU A 43 7.36 -7.97 9.85
CA GLU A 43 6.25 -7.40 10.59
C GLU A 43 5.25 -6.81 9.61
N THR A 44 3.96 -6.89 9.98
CA THR A 44 2.95 -6.18 9.22
C THR A 44 3.17 -4.69 9.38
N ILE A 45 2.63 -3.93 8.43
CA ILE A 45 2.73 -2.48 8.52
C ILE A 45 2.12 -1.98 9.83
N GLU A 46 0.95 -2.49 10.21
CA GLU A 46 0.31 -2.06 11.45
C GLU A 46 1.19 -2.38 12.65
N ASP A 47 1.82 -3.55 12.66
CA ASP A 47 2.67 -3.89 13.81
C ASP A 47 3.95 -3.07 13.82
N GLY A 48 4.50 -2.72 12.66
CA GLY A 48 5.63 -1.80 12.64
C GLY A 48 5.25 -0.44 13.19
N ALA A 49 4.03 0.01 12.88
CA ALA A 49 3.54 1.27 13.42
C ALA A 49 3.42 1.22 14.93
N ARG A 50 2.86 0.12 15.46
N ARG A 50 2.88 0.12 15.47
CA ARG A 50 2.77 -0.05 16.91
CA ARG A 50 2.77 0.00 16.92
C ARG A 50 4.16 -0.06 17.53
C ARG A 50 4.14 -0.12 17.58
N ARG A 51 5.10 -0.75 16.90
CA ARG A 51 6.46 -0.84 17.42
C ARG A 51 7.12 0.53 17.49
N GLU A 52 7.05 1.30 16.40
CA GLU A 52 7.67 2.62 16.40
C GLU A 52 7.02 3.54 17.41
N LEU A 53 5.69 3.44 17.57
CA LEU A 53 5.03 4.26 18.57
C LEU A 53 5.61 3.96 19.94
N GLN A 54 5.78 2.68 20.27
N GLN A 54 5.81 2.68 20.26
CA GLN A 54 6.33 2.32 21.57
CA GLN A 54 6.32 2.33 21.58
C GLN A 54 7.76 2.83 21.70
C GLN A 54 7.78 2.75 21.73
N GLU A 55 8.58 2.63 20.67
CA GLU A 55 9.98 3.03 20.74
C GLU A 55 10.13 4.54 20.93
N GLU A 56 9.34 5.33 20.22
CA GLU A 56 9.57 6.77 20.19
C GLU A 56 8.80 7.53 21.24
N SER A 57 7.66 7.00 21.71
CA SER A 57 6.81 7.69 22.67
C SER A 57 6.61 6.94 23.98
N GLY A 58 6.97 5.65 24.03
CA GLY A 58 6.72 4.84 25.20
C GLY A 58 5.33 4.27 25.28
N LEU A 59 4.43 4.66 24.40
CA LEU A 59 3.06 4.20 24.47
C LEU A 59 2.89 2.83 23.81
N THR A 60 2.14 1.96 24.46
CA THR A 60 1.78 0.67 23.94
C THR A 60 0.29 0.62 23.70
N VAL A 61 -0.13 0.29 22.48
CA VAL A 61 -1.54 0.26 22.11
C VAL A 61 -1.85 -1.11 21.53
N ASP A 62 -3.07 -1.57 21.76
CA ASP A 62 -3.48 -2.88 21.25
C ASP A 62 -3.76 -2.86 19.76
N ALA A 63 -4.29 -1.76 19.25
CA ALA A 63 -4.70 -1.71 17.87
C ALA A 63 -4.58 -0.29 17.34
N LEU A 64 -4.38 -0.20 16.05
CA LEU A 64 -4.41 1.06 15.33
C LEU A 64 -5.44 0.94 14.23
N HIS A 65 -5.89 2.08 13.71
CA HIS A 65 -6.72 2.09 12.51
C HIS A 65 -6.06 2.90 11.41
N LYS A 66 -6.11 2.36 10.20
CA LYS A 66 -5.54 3.04 9.04
C LYS A 66 -6.36 4.27 8.70
N VAL A 67 -5.70 5.39 8.45
CA VAL A 67 -6.40 6.60 8.07
C VAL A 67 -5.92 7.18 6.75
N GLY A 68 -4.72 6.83 6.29
CA GLY A 68 -4.28 7.39 5.02
C GLY A 68 -2.98 6.79 4.56
N GLN A 69 -2.57 7.21 3.37
CA GLN A 69 -1.31 6.81 2.78
C GLN A 69 -0.80 8.03 2.05
N ILE A 70 0.47 8.34 2.27
CA ILE A 70 1.09 9.49 1.62
C ILE A 70 2.42 9.04 1.04
N VAL A 71 2.63 9.33 -0.24
CA VAL A 71 3.88 9.03 -0.93
C VAL A 71 4.68 10.31 -1.08
N PHE A 72 5.94 10.28 -0.65
CA PHE A 72 6.84 11.42 -0.75
C PHE A 72 7.95 11.15 -1.73
N GLU A 73 8.20 12.13 -2.58
CA GLU A 73 9.30 12.12 -3.51
C GLU A 73 10.16 13.36 -3.25
N PHE A 74 11.47 13.18 -3.25
N PHE A 74 11.47 13.19 -3.29
CA PHE A 74 12.42 14.26 -3.07
CA PHE A 74 12.41 14.28 -3.07
C PHE A 74 13.27 14.41 -4.32
C PHE A 74 13.32 14.42 -4.28
N VAL A 75 13.46 15.66 -4.75
CA VAL A 75 14.40 15.93 -5.83
C VAL A 75 15.76 15.36 -5.44
N GLY A 76 16.37 14.62 -6.36
CA GLY A 76 17.68 14.02 -6.13
C GLY A 76 17.68 12.68 -5.41
N GLU A 77 16.53 12.19 -4.96
CA GLU A 77 16.43 10.90 -4.28
C GLU A 77 15.63 9.96 -5.17
N PRO A 78 16.17 8.85 -5.69
CA PRO A 78 15.34 7.98 -6.53
C PRO A 78 14.25 7.23 -5.78
N GLU A 79 14.41 6.99 -4.49
CA GLU A 79 13.47 6.16 -3.76
C GLU A 79 12.34 7.00 -3.16
N LEU A 80 11.11 6.54 -3.36
CA LEU A 80 9.95 7.18 -2.75
C LEU A 80 9.76 6.68 -1.34
N MET A 81 9.16 7.53 -0.49
CA MET A 81 8.78 7.15 0.87
C MET A 81 7.28 6.88 0.87
N ASP A 82 6.89 5.64 1.11
CA ASP A 82 5.48 5.24 1.14
C ASP A 82 5.05 5.18 2.60
N VAL A 83 4.38 6.25 3.05
CA VAL A 83 4.05 6.44 4.46
C VAL A 83 2.61 6.00 4.70
N HIS A 84 2.44 5.00 5.56
CA HIS A 84 1.14 4.49 5.97
C HIS A 84 0.78 5.11 7.31
N VAL A 85 -0.33 5.86 7.32
CA VAL A 85 -0.73 6.70 8.44
C VAL A 85 -1.84 6.01 9.22
N PHE A 86 -1.70 5.99 10.53
CA PHE A 86 -2.61 5.35 11.45
C PHE A 86 -2.98 6.29 12.58
N CYS A 87 -4.16 6.05 13.14
N CYS A 87 -4.12 5.99 13.19
CA CYS A 87 -4.54 6.71 14.38
CA CYS A 87 -4.63 6.70 14.36
C CYS A 87 -4.90 5.68 15.44
C CYS A 87 -4.93 5.68 15.44
N THR A 88 -5.04 6.22 16.64
N THR A 88 -4.53 5.99 16.69
CA THR A 88 -5.83 5.61 17.69
CA THR A 88 -4.77 5.11 17.82
C THR A 88 -6.24 6.73 18.64
C THR A 88 -6.26 5.11 18.17
N ASP A 89 -7.36 6.53 19.32
N ASP A 89 -6.73 4.00 18.77
CA ASP A 89 -7.78 7.44 20.39
CA ASP A 89 -8.10 3.93 19.24
C ASP A 89 -7.54 6.85 21.77
C ASP A 89 -8.23 4.01 20.75
N SER A 90 -7.06 5.61 21.83
N SER A 90 -7.16 3.69 21.49
CA SER A 90 -7.12 4.80 23.04
CA SER A 90 -7.10 3.93 22.92
C SER A 90 -5.70 4.46 23.49
C SER A 90 -5.65 3.74 23.36
N ILE A 91 -5.32 5.04 24.63
N ILE A 91 -5.24 4.53 24.36
CA ILE A 91 -4.04 4.78 25.26
CA ILE A 91 -3.90 4.45 24.93
C ILE A 91 -4.26 4.47 26.73
C ILE A 91 -4.06 4.29 26.44
N GLN A 92 -3.19 4.01 27.37
N GLN A 92 -3.00 3.74 27.07
CA GLN A 92 -3.27 3.61 28.76
CA GLN A 92 -3.10 3.35 28.48
C GLN A 92 -1.95 3.76 29.54
C GLN A 92 -1.78 3.57 29.24
N GLY A 93 -0.96 4.47 29.00
N GLY A 93 -1.05 4.62 28.91
CA GLY A 93 0.22 4.88 29.74
CA GLY A 93 0.18 4.95 29.60
C GLY A 93 0.56 6.30 29.33
C GLY A 93 0.54 6.39 29.31
N THR A 94 1.70 6.80 29.86
CA THR A 94 2.13 8.19 29.65
C THR A 94 3.26 8.26 28.63
N PRO A 95 3.26 9.29 27.79
CA PRO A 95 4.35 9.47 26.83
C PRO A 95 5.64 9.81 27.54
N VAL A 96 6.76 9.38 26.96
CA VAL A 96 8.07 9.65 27.53
C VAL A 96 9.02 10.04 26.42
N GLU A 97 9.92 10.97 26.73
CA GLU A 97 10.91 11.40 25.76
C GLU A 97 11.83 10.23 25.43
N SER A 98 12.15 10.09 24.14
CA SER A 98 13.11 9.14 23.60
C SER A 98 14.23 9.92 22.93
N ASP A 99 15.28 9.21 22.48
CA ASP A 99 16.34 9.90 21.77
C ASP A 99 15.81 10.53 20.47
N GLU A 100 14.75 9.96 19.90
N GLU A 100 14.76 9.96 19.90
CA GLU A 100 14.22 10.40 18.62
CA GLU A 100 14.22 10.41 18.64
C GLU A 100 13.19 11.52 18.77
C GLU A 100 13.23 11.57 18.81
N MET A 101 12.41 11.52 19.85
CA MET A 101 11.23 12.36 19.95
C MET A 101 10.96 12.87 21.36
N ARG A 102 10.51 14.13 21.46
N ARG A 102 10.51 14.12 21.45
CA ARG A 102 9.98 14.67 22.70
CA ARG A 102 9.98 14.67 22.70
C ARG A 102 8.48 14.82 22.53
C ARG A 102 8.48 14.81 22.53
N PRO A 103 7.68 13.93 23.12
CA PRO A 103 6.22 14.04 22.99
C PRO A 103 5.64 15.24 23.71
N CYS A 104 4.58 15.80 23.13
CA CYS A 104 3.84 16.90 23.71
C CYS A 104 2.41 16.86 23.19
N TRP A 105 1.46 17.09 24.10
CA TRP A 105 0.07 17.22 23.70
C TRP A 105 -0.22 18.63 23.18
N PHE A 106 -1.04 18.69 22.14
CA PHE A 106 -1.54 19.94 21.59
C PHE A 106 -3.06 19.92 21.54
N GLN A 107 -3.69 21.00 22.01
CA GLN A 107 -5.11 21.16 21.81
C GLN A 107 -5.40 21.27 20.31
N LEU A 108 -6.60 20.87 19.91
CA LEU A 108 -6.94 20.77 18.50
C LEU A 108 -7.25 22.12 17.84
N ASP A 109 -7.20 23.22 18.60
CA ASP A 109 -7.20 24.57 18.06
C ASP A 109 -5.83 25.21 18.12
N GLN A 110 -4.80 24.41 18.36
CA GLN A 110 -3.41 24.85 18.44
C GLN A 110 -2.49 23.87 17.73
N ILE A 111 -2.95 23.32 16.61
CA ILE A 111 -2.10 22.41 15.83
CA ILE A 111 -2.09 22.41 15.85
C ILE A 111 -0.92 23.20 15.30
N PRO A 112 0.33 22.79 15.55
CA PRO A 112 1.48 23.67 15.28
C PRO A 112 1.97 23.60 13.83
N PHE A 113 1.07 23.93 12.90
CA PHE A 113 1.36 23.70 11.49
C PHE A 113 2.64 24.35 11.02
N LYS A 114 2.99 25.54 11.51
CA LYS A 114 4.18 26.21 11.01
C LYS A 114 5.45 25.44 11.37
N ASP A 115 5.38 24.59 12.39
CA ASP A 115 6.49 23.76 12.85
C ASP A 115 6.27 22.29 12.52
N MET A 116 5.47 21.99 11.51
CA MET A 116 5.27 20.65 10.97
C MET A 116 5.73 20.64 9.53
N TRP A 117 5.92 19.45 8.97
CA TRP A 117 6.16 19.34 7.54
C TRP A 117 5.10 20.15 6.79
N PRO A 118 5.47 20.85 5.71
CA PRO A 118 4.49 21.70 5.01
C PRO A 118 3.30 20.94 4.48
N ASP A 119 3.46 19.69 4.06
CA ASP A 119 2.34 18.94 3.49
C ASP A 119 1.27 18.67 4.54
N ASP A 120 1.63 18.67 5.82
CA ASP A 120 0.67 18.32 6.86
C ASP A 120 -0.51 19.30 6.88
N SER A 121 -0.28 20.53 6.46
N SER A 121 -0.30 20.54 6.44
CA SER A 121 -1.37 21.50 6.38
CA SER A 121 -1.39 21.50 6.40
C SER A 121 -2.50 21.02 5.47
C SER A 121 -2.49 21.09 5.43
N TYR A 122 -2.17 20.21 4.46
CA TYR A 122 -3.19 19.73 3.52
C TYR A 122 -3.92 18.50 4.06
N TRP A 123 -3.19 17.49 4.57
CA TRP A 123 -3.86 16.24 4.92
C TRP A 123 -4.30 16.16 6.37
N PHE A 124 -3.61 16.85 7.29
CA PHE A 124 -3.98 16.73 8.69
C PHE A 124 -5.42 17.16 8.92
N PRO A 125 -5.95 18.19 8.26
CA PRO A 125 -7.38 18.52 8.45
C PRO A 125 -8.30 17.35 8.10
N LEU A 126 -7.96 16.55 7.09
CA LEU A 126 -8.76 15.38 6.77
C LEU A 126 -8.72 14.37 7.90
N LEU A 127 -7.53 14.14 8.45
CA LEU A 127 -7.40 13.26 9.61
C LEU A 127 -8.31 13.75 10.74
N LEU A 128 -8.35 15.07 10.97
CA LEU A 128 -9.20 15.60 12.04
C LEU A 128 -10.68 15.40 11.79
N GLN A 129 -11.11 15.44 10.51
CA GLN A 129 -12.49 15.20 10.11
C GLN A 129 -12.83 13.72 10.02
N LYS A 130 -11.88 12.84 10.33
CA LYS A 130 -12.08 11.40 10.22
C LYS A 130 -12.36 10.98 8.78
N LYS A 131 -11.76 11.66 7.83
N LYS A 131 -11.63 11.57 7.83
CA LYS A 131 -11.79 11.23 6.45
CA LYS A 131 -11.76 11.31 6.40
C LYS A 131 -10.52 10.42 6.19
C LYS A 131 -10.48 10.66 5.84
N LYS A 132 -10.61 9.47 5.29
CA LYS A 132 -9.47 8.72 4.83
C LYS A 132 -8.93 9.36 3.54
N PHE A 133 -7.62 9.22 3.32
CA PHE A 133 -7.00 9.94 2.23
C PHE A 133 -5.81 9.21 1.62
N HIS A 134 -5.54 9.57 0.38
CA HIS A 134 -4.30 9.26 -0.32
C HIS A 134 -3.67 10.56 -0.76
N GLY A 135 -2.37 10.71 -0.52
CA GLY A 135 -1.64 11.89 -0.94
C GLY A 135 -0.32 11.52 -1.58
N TYR A 136 0.21 12.49 -2.32
CA TYR A 136 1.52 12.43 -2.95
C TYR A 136 2.10 13.83 -2.89
N PHE A 137 3.35 13.98 -2.47
CA PHE A 137 4.00 15.29 -2.42
C PHE A 137 5.43 15.14 -2.91
N LYS A 138 5.82 16.01 -3.85
CA LYS A 138 7.18 16.12 -4.32
C LYS A 138 7.81 17.35 -3.71
N PHE A 139 8.93 17.16 -3.04
CA PHE A 139 9.67 18.21 -2.35
C PHE A 139 10.99 18.50 -3.04
N GLN A 140 11.32 19.78 -3.08
CA GLN A 140 12.70 20.24 -3.26
C GLN A 140 13.22 20.52 -1.85
N GLY A 141 14.19 19.73 -1.38
CA GLY A 141 14.66 19.91 -0.03
C GLY A 141 13.54 19.65 0.98
N GLN A 142 13.64 20.33 2.11
CA GLN A 142 12.71 20.08 3.22
C GLN A 142 11.51 20.99 3.20
N ASP A 143 11.53 22.07 2.42
CA ASP A 143 10.60 23.16 2.63
C ASP A 143 9.64 23.42 1.47
N THR A 144 9.95 22.96 0.26
CA THR A 144 9.29 23.47 -0.92
C THR A 144 8.61 22.34 -1.66
N ILE A 145 7.29 22.44 -1.78
CA ILE A 145 6.51 21.48 -2.55
C ILE A 145 6.44 21.94 -4.00
N LEU A 146 6.84 21.05 -4.92
CA LEU A 146 6.80 21.32 -6.35
C LEU A 146 5.56 20.77 -7.05
N ASP A 147 4.95 19.75 -6.48
CA ASP A 147 3.81 19.06 -7.07
C ASP A 147 3.19 18.25 -5.95
N TYR A 148 1.87 18.13 -5.96
CA TYR A 148 1.21 17.28 -4.99
C TYR A 148 -0.18 16.92 -5.46
N THR A 149 -0.69 15.82 -4.92
CA THR A 149 -2.07 15.36 -5.11
C THR A 149 -2.61 14.96 -3.75
N LEU A 150 -3.88 15.21 -3.53
CA LEU A 150 -4.56 14.77 -2.32
C LEU A 150 -5.99 14.43 -2.65
N ARG A 151 -6.44 13.27 -2.23
N ARG A 151 -6.42 13.26 -2.20
CA ARG A 151 -7.82 12.91 -2.46
CA ARG A 151 -7.69 12.67 -2.58
C ARG A 151 -8.37 12.18 -1.25
C ARG A 151 -8.32 12.02 -1.36
N GLU A 152 -9.66 12.41 -1.00
N GLU A 152 -9.57 12.38 -1.04
CA GLU A 152 -10.39 11.60 -0.04
CA GLU A 152 -10.32 11.60 -0.07
C GLU A 152 -10.78 10.29 -0.70
C GLU A 152 -10.73 10.27 -0.72
N VAL A 153 -10.65 9.19 0.06
CA VAL A 153 -10.97 7.86 -0.41
C VAL A 153 -11.88 7.17 0.60
N ASP A 154 -12.60 6.15 0.14
CA ASP A 154 -13.45 5.38 1.04
C ASP A 154 -12.67 4.29 1.75
N THR A 155 -11.58 3.81 1.15
CA THR A 155 -10.75 2.76 1.72
C THR A 155 -9.29 3.15 1.50
N VAL A 156 -8.47 3.04 2.54
CA VAL A 156 -7.06 3.40 2.45
C VAL A 156 -6.30 2.35 1.63
N MET B 1 14.63 -3.35 5.35
N MET B 1 14.42 -3.23 5.30
CA MET B 1 14.10 -4.39 4.42
CA MET B 1 13.61 -4.11 4.42
C MET B 1 14.29 -3.89 3.00
C MET B 1 13.86 -3.68 2.97
N LYS B 2 13.74 -4.63 2.04
CA LYS B 2 13.87 -4.28 0.63
C LYS B 2 12.78 -3.28 0.24
N ALA B 3 13.14 -2.37 -0.66
CA ALA B 3 12.16 -1.52 -1.33
C ALA B 3 11.36 -2.37 -2.33
N SER B 4 10.26 -1.79 -2.81
CA SER B 4 9.38 -2.50 -3.73
C SER B 4 9.02 -1.62 -4.93
N ARG B 5 8.59 -2.29 -5.99
CA ARG B 5 8.05 -1.66 -7.19
C ARG B 5 6.61 -2.12 -7.39
N LEU B 6 5.80 -1.27 -7.99
N LEU B 6 5.77 -1.21 -7.87
CA LEU B 6 4.35 -1.41 -7.98
CA LEU B 6 4.34 -1.44 -7.96
C LEU B 6 3.83 -1.99 -9.29
C LEU B 6 3.93 -2.10 -9.28
N TYR B 7 3.04 -3.07 -9.16
CA TYR B 7 2.48 -3.81 -10.28
C TYR B 7 0.99 -4.01 -10.06
N THR B 8 0.29 -4.31 -11.16
CA THR B 8 -1.12 -4.70 -11.13
C THR B 8 -1.28 -6.09 -11.72
N LEU B 9 -2.40 -6.70 -11.36
CA LEU B 9 -2.83 -7.98 -11.92
C LEU B 9 -4.35 -7.95 -11.98
N VAL B 10 -4.92 -8.28 -13.13
CA VAL B 10 -6.36 -8.16 -13.34
C VAL B 10 -6.93 -9.50 -13.80
N LEU B 11 -7.96 -9.96 -13.10
CA LEU B 11 -8.69 -11.17 -13.46
C LEU B 11 -10.10 -10.81 -13.91
N VAL B 12 -10.43 -11.21 -15.13
CA VAL B 12 -11.80 -11.10 -15.66
C VAL B 12 -12.50 -12.38 -15.22
N LEU B 13 -13.21 -12.31 -14.10
CA LEU B 13 -13.88 -13.45 -13.50
C LEU B 13 -15.39 -13.31 -13.69
N GLN B 14 -15.98 -14.24 -14.40
CA GLN B 14 -17.41 -14.32 -14.62
C GLN B 14 -17.98 -15.51 -13.88
N PRO B 15 -19.31 -15.62 -13.77
CA PRO B 15 -19.87 -16.73 -12.97
C PRO B 15 -19.51 -18.09 -13.53
N GLN B 16 -19.24 -18.16 -14.84
CA GLN B 16 -19.00 -19.42 -15.54
C GLN B 16 -17.56 -19.65 -15.99
N ARG B 17 -16.68 -18.64 -15.91
CA ARG B 17 -15.35 -18.76 -16.52
C ARG B 17 -14.47 -17.62 -16.06
N VAL B 18 -13.17 -17.77 -16.31
CA VAL B 18 -12.17 -16.73 -16.04
C VAL B 18 -11.25 -16.60 -17.25
N LEU B 19 -10.84 -15.36 -17.55
CA LEU B 19 -9.93 -15.12 -18.66
C LEU B 19 -8.50 -15.12 -18.12
N LEU B 20 -7.64 -15.88 -18.77
CA LEU B 20 -6.21 -15.84 -18.49
C LEU B 20 -5.48 -15.59 -19.79
N GLY B 21 -4.23 -15.21 -19.70
CA GLY B 21 -3.41 -15.01 -20.87
C GLY B 21 -2.10 -15.75 -20.71
N MET B 22 -1.67 -16.38 -21.81
CA MET B 22 -0.40 -17.06 -21.82
C MET B 22 0.65 -16.01 -22.13
N LYS B 23 1.54 -15.80 -21.16
CA LYS B 23 2.61 -14.81 -21.30
C LYS B 23 3.57 -15.29 -22.37
N LYS B 24 3.73 -14.48 -23.41
CA LYS B 24 4.52 -14.88 -24.58
C LYS B 24 5.97 -14.41 -24.51
N ARG B 25 6.26 -13.40 -23.69
CA ARG B 25 7.62 -12.90 -23.55
C ARG B 25 7.79 -12.37 -22.13
N GLY B 26 9.05 -12.31 -21.70
CA GLY B 26 9.38 -11.57 -20.48
C GLY B 26 9.13 -12.35 -19.21
N PHE B 27 8.85 -11.60 -18.14
CA PHE B 27 8.69 -12.19 -16.81
C PHE B 27 7.46 -13.10 -16.79
N GLY B 28 7.67 -14.34 -16.35
CA GLY B 28 6.60 -15.30 -16.29
C GLY B 28 6.18 -15.86 -17.63
N ALA B 29 7.01 -15.74 -18.65
CA ALA B 29 6.68 -16.32 -19.94
C ALA B 29 6.41 -17.81 -19.79
N GLY B 30 5.43 -18.30 -20.54
CA GLY B 30 5.04 -19.69 -20.49
C GLY B 30 4.00 -20.04 -19.45
N ARG B 31 3.53 -19.06 -18.68
CA ARG B 31 2.53 -19.31 -17.65
C ARG B 31 1.28 -18.52 -17.94
N TRP B 32 0.14 -19.19 -17.78
CA TRP B 32 -1.14 -18.51 -17.80
C TRP B 32 -1.20 -17.54 -16.63
N ASN B 33 -1.79 -16.38 -16.86
CA ASN B 33 -1.88 -15.38 -15.81
C ASN B 33 -2.98 -14.38 -16.13
N GLY B 34 -3.35 -13.60 -15.13
CA GLY B 34 -4.12 -12.40 -15.38
C GLY B 34 -3.25 -11.38 -16.11
N PHE B 35 -3.86 -10.22 -16.40
CA PHE B 35 -3.23 -9.18 -17.18
C PHE B 35 -2.74 -8.08 -16.26
N GLY B 36 -1.62 -7.47 -16.60
CA GLY B 36 -1.10 -6.45 -15.72
C GLY B 36 0.34 -6.13 -16.02
N GLY B 37 0.88 -5.25 -15.19
CA GLY B 37 2.25 -4.79 -15.39
C GLY B 37 2.57 -3.67 -14.41
N LYS B 38 3.63 -2.94 -14.73
CA LYS B 38 4.08 -1.89 -13.83
C LYS B 38 3.06 -0.75 -13.79
N VAL B 39 2.88 -0.17 -12.62
CA VAL B 39 2.13 1.08 -12.49
C VAL B 39 3.03 2.25 -12.86
N GLN B 40 2.54 3.14 -13.71
CA GLN B 40 3.31 4.29 -14.17
C GLN B 40 3.28 5.41 -13.14
N GLU B 41 4.27 6.28 -13.21
CA GLU B 41 4.35 7.39 -12.27
C GLU B 41 3.14 8.31 -12.41
N GLY B 42 2.57 8.69 -11.27
CA GLY B 42 1.42 9.57 -11.24
C GLY B 42 0.10 8.89 -11.52
N GLU B 43 0.11 7.64 -11.94
CA GLU B 43 -1.08 6.90 -12.29
C GLU B 43 -1.59 6.23 -11.04
N THR B 44 -2.91 6.26 -10.85
CA THR B 44 -3.47 5.49 -9.74
C THR B 44 -3.32 4.00 -10.05
N ILE B 45 -3.24 3.20 -9.00
CA ILE B 45 -3.09 1.78 -9.20
C ILE B 45 -4.25 1.22 -10.02
N GLU B 46 -5.47 1.66 -9.71
CA GLU B 46 -6.63 1.17 -10.45
C GLU B 46 -6.57 1.58 -11.92
N ASP B 47 -6.13 2.81 -12.19
CA ASP B 47 -6.00 3.22 -13.58
C ASP B 47 -4.92 2.42 -14.30
N GLY B 48 -3.84 2.09 -13.60
CA GLY B 48 -2.81 1.25 -14.21
C GLY B 48 -3.34 -0.13 -14.54
N ALA B 49 -4.19 -0.68 -13.66
CA ALA B 49 -4.80 -1.98 -13.91
C ALA B 49 -5.69 -1.94 -15.15
N ARG B 50 -6.51 -0.89 -15.25
CA ARG B 50 -7.38 -0.76 -16.42
C ARG B 50 -6.56 -0.63 -17.70
N ARG B 51 -5.51 0.17 -17.67
CA ARG B 51 -4.68 0.40 -18.83
C ARG B 51 -4.04 -0.90 -19.30
N GLU B 52 -3.46 -1.66 -18.36
CA GLU B 52 -2.81 -2.90 -18.73
C GLU B 52 -3.79 -3.93 -19.27
N LEU B 53 -5.00 -4.00 -18.69
CA LEU B 53 -5.99 -4.91 -19.26
C LEU B 53 -6.26 -4.57 -20.72
N GLN B 54 -6.43 -3.29 -21.03
N GLN B 54 -6.45 -3.30 -21.03
CA GLN B 54 -6.73 -2.89 -22.40
CA GLN B 54 -6.72 -2.89 -22.40
C GLN B 54 -5.55 -3.17 -23.33
C GLN B 54 -5.55 -3.23 -23.30
N GLU B 55 -4.33 -2.86 -22.88
CA GLU B 55 -3.16 -3.06 -23.71
C GLU B 55 -2.93 -4.54 -24.01
N GLU B 56 -3.08 -5.40 -23.00
CA GLU B 56 -2.69 -6.80 -23.13
C GLU B 56 -3.80 -7.71 -23.63
N SER B 57 -5.06 -7.33 -23.44
CA SER B 57 -6.15 -8.19 -23.84
C SER B 57 -7.13 -7.56 -24.81
N GLY B 58 -7.11 -6.24 -24.96
CA GLY B 58 -8.05 -5.54 -25.81
C GLY B 58 -9.40 -5.27 -25.18
N LEU B 59 -9.62 -5.70 -23.95
CA LEU B 59 -10.87 -5.48 -23.26
C LEU B 59 -10.85 -4.15 -22.55
N THR B 60 -12.00 -3.50 -22.54
N THR B 60 -11.98 -3.48 -22.54
CA THR B 60 -12.25 -2.31 -21.76
CA THR B 60 -12.15 -2.29 -21.73
C THR B 60 -12.99 -2.71 -20.51
C THR B 60 -13.01 -2.64 -20.54
N VAL B 61 -12.59 -2.16 -19.37
CA VAL B 61 -13.28 -2.41 -18.13
C VAL B 61 -14.04 -1.16 -17.75
N ASP B 62 -15.34 -1.33 -17.49
N ASP B 62 -15.35 -1.32 -17.54
CA ASP B 62 -16.20 -0.24 -17.04
CA ASP B 62 -16.19 -0.24 -17.03
C ASP B 62 -16.29 -0.16 -15.52
C ASP B 62 -16.01 -0.09 -15.53
N ALA B 63 -15.91 -1.22 -14.82
CA ALA B 63 -15.86 -1.20 -13.37
C ALA B 63 -14.99 -2.36 -12.91
N LEU B 64 -14.26 -2.14 -11.83
CA LEU B 64 -13.42 -3.19 -11.25
C LEU B 64 -13.19 -2.87 -9.79
N HIS B 65 -12.67 -3.85 -9.07
CA HIS B 65 -12.47 -3.66 -7.64
C HIS B 65 -11.24 -4.44 -7.20
N LYS B 66 -10.61 -3.93 -6.15
N LYS B 66 -10.60 -3.90 -6.17
CA LYS B 66 -9.41 -4.56 -5.62
CA LYS B 66 -9.46 -4.56 -5.55
C LYS B 66 -9.78 -5.77 -4.75
C LYS B 66 -9.91 -5.84 -4.86
N VAL B 67 -9.11 -6.89 -5.01
CA VAL B 67 -9.37 -8.14 -4.32
C VAL B 67 -8.18 -8.61 -3.50
N GLY B 68 -6.97 -8.13 -3.74
CA GLY B 68 -5.86 -8.60 -2.94
C GLY B 68 -4.59 -7.83 -3.22
N GLN B 69 -3.58 -8.13 -2.42
CA GLN B 69 -2.25 -7.58 -2.59
C GLN B 69 -1.28 -8.71 -2.30
N ILE B 70 -0.31 -8.91 -3.18
CA ILE B 70 0.70 -9.96 -2.99
C ILE B 70 2.06 -9.36 -3.19
N VAL B 71 2.97 -9.59 -2.25
CA VAL B 71 4.34 -9.14 -2.33
C VAL B 71 5.22 -10.32 -2.68
N PHE B 72 6.04 -10.16 -3.72
CA PHE B 72 6.96 -11.19 -4.17
C PHE B 72 8.40 -10.79 -3.91
N GLU B 73 9.17 -11.75 -3.43
CA GLU B 73 10.59 -11.62 -3.21
C GLU B 73 11.30 -12.74 -3.95
N PHE B 74 12.26 -12.39 -4.79
CA PHE B 74 13.07 -13.38 -5.49
C PHE B 74 14.46 -13.38 -4.91
N VAL B 75 14.95 -14.57 -4.57
CA VAL B 75 16.32 -14.69 -4.09
C VAL B 75 17.25 -14.14 -5.15
N GLY B 76 18.18 -13.31 -4.72
CA GLY B 76 19.16 -12.74 -5.59
C GLY B 76 18.79 -11.39 -6.18
N GLU B 77 17.52 -10.97 -6.06
CA GLU B 77 17.08 -9.67 -6.55
C GLU B 77 16.99 -8.68 -5.39
N PRO B 78 17.27 -7.41 -5.65
CA PRO B 78 17.39 -6.45 -4.54
C PRO B 78 16.07 -5.85 -4.08
N GLU B 79 14.99 -5.99 -4.85
CA GLU B 79 13.74 -5.31 -4.56
C GLU B 79 12.59 -6.30 -4.64
N LEU B 80 11.47 -5.91 -4.05
CA LEU B 80 10.24 -6.70 -4.03
C LEU B 80 9.33 -6.24 -5.14
N MET B 81 8.38 -7.10 -5.50
CA MET B 81 7.28 -6.73 -6.37
C MET B 81 6.02 -6.62 -5.52
N ASP B 82 5.37 -5.47 -5.55
CA ASP B 82 4.15 -5.22 -4.80
C ASP B 82 3.01 -5.26 -5.80
N VAL B 83 2.29 -6.38 -5.82
CA VAL B 83 1.29 -6.66 -6.85
C VAL B 83 -0.11 -6.42 -6.28
N HIS B 84 -0.85 -5.48 -6.87
CA HIS B 84 -2.21 -5.18 -6.49
C HIS B 84 -3.15 -5.90 -7.45
N VAL B 85 -4.00 -6.75 -6.91
CA VAL B 85 -4.83 -7.67 -7.69
C VAL B 85 -6.25 -7.15 -7.72
N PHE B 86 -6.85 -7.18 -8.90
CA PHE B 86 -8.19 -6.69 -9.15
C PHE B 86 -9.01 -7.72 -9.91
N CYS B 87 -10.32 -7.65 -9.72
CA CYS B 87 -11.29 -8.37 -10.53
C CYS B 87 -12.20 -7.36 -11.21
N THR B 88 -12.57 -7.65 -12.45
CA THR B 88 -13.46 -6.75 -13.16
C THR B 88 -14.90 -6.98 -12.68
N ASP B 89 -15.71 -5.95 -12.81
CA ASP B 89 -17.14 -6.06 -12.57
C ASP B 89 -17.97 -5.89 -13.82
N SER B 90 -17.47 -5.15 -14.79
N SER B 90 -17.49 -5.13 -14.80
CA SER B 90 -18.18 -4.96 -16.06
CA SER B 90 -18.19 -4.90 -16.06
C SER B 90 -17.14 -4.68 -17.13
C SER B 90 -17.14 -4.66 -17.14
N ILE B 91 -17.27 -5.35 -18.28
CA ILE B 91 -16.34 -5.24 -19.37
C ILE B 91 -17.07 -5.08 -20.70
N GLN B 92 -16.30 -4.72 -21.71
N GLN B 92 -16.30 -4.69 -21.70
CA GLN B 92 -16.79 -4.76 -23.08
CA GLN B 92 -16.73 -4.63 -23.09
C GLN B 92 -15.63 -5.11 -24.00
C GLN B 92 -15.61 -5.14 -23.98
N GLY B 93 -16.00 -5.60 -25.16
CA GLY B 93 -15.04 -6.05 -26.15
C GLY B 93 -14.79 -7.54 -26.08
N THR B 94 -14.03 -8.00 -27.06
CA THR B 94 -13.56 -9.38 -27.12
C THR B 94 -12.06 -9.42 -26.87
N PRO B 95 -11.56 -10.48 -26.23
CA PRO B 95 -10.12 -10.58 -26.02
C PRO B 95 -9.40 -10.77 -27.34
N VAL B 96 -8.19 -10.26 -27.42
CA VAL B 96 -7.38 -10.42 -28.62
C VAL B 96 -5.96 -10.72 -28.21
N GLU B 97 -5.29 -11.52 -29.04
CA GLU B 97 -3.88 -11.79 -28.79
C GLU B 97 -3.06 -10.52 -29.00
N SER B 98 -2.15 -10.26 -28.07
CA SER B 98 -1.23 -9.13 -28.11
C SER B 98 0.20 -9.69 -28.14
N ASP B 99 1.17 -8.78 -28.25
CA ASP B 99 2.56 -9.24 -28.23
C ASP B 99 2.91 -9.91 -26.90
N GLU B 100 2.31 -9.43 -25.80
CA GLU B 100 2.64 -9.97 -24.49
C GLU B 100 1.82 -11.19 -24.09
N MET B 101 0.58 -11.32 -24.60
CA MET B 101 -0.34 -12.30 -24.08
C MET B 101 -1.24 -12.91 -25.14
N ARG B 102 -1.55 -14.19 -24.98
CA ARG B 102 -2.59 -14.86 -25.76
C ARG B 102 -3.73 -15.19 -24.81
N PRO B 103 -4.85 -14.46 -24.87
CA PRO B 103 -5.96 -14.74 -23.96
C PRO B 103 -6.70 -16.04 -24.25
N CYS B 104 -7.23 -16.65 -23.20
CA CYS B 104 -8.03 -17.87 -23.32
C CYS B 104 -8.97 -17.95 -22.14
N TRP B 105 -10.22 -18.36 -22.37
CA TRP B 105 -11.17 -18.56 -21.28
C TRP B 105 -11.02 -19.97 -20.69
N PHE B 106 -11.17 -20.07 -19.38
CA PHE B 106 -11.13 -21.33 -18.67
C PHE B 106 -12.37 -21.49 -17.82
N GLN B 107 -12.95 -22.68 -17.84
CA GLN B 107 -14.00 -23.03 -16.90
CA GLN B 107 -14.02 -22.97 -16.90
C GLN B 107 -13.44 -22.96 -15.48
N LEU B 108 -14.32 -22.67 -14.51
CA LEU B 108 -13.87 -22.48 -13.14
C LEU B 108 -13.49 -23.77 -12.44
N ASP B 109 -13.77 -24.93 -13.04
CA ASP B 109 -13.29 -26.22 -12.55
C ASP B 109 -12.13 -26.74 -13.39
N GLN B 110 -11.52 -25.88 -14.22
CA GLN B 110 -10.38 -26.19 -15.06
C GLN B 110 -9.33 -25.10 -14.96
N ILE B 111 -9.13 -24.55 -13.77
CA ILE B 111 -8.06 -23.54 -13.58
C ILE B 111 -6.73 -24.23 -13.82
N PRO B 112 -5.88 -23.72 -14.72
CA PRO B 112 -4.69 -24.46 -15.16
C PRO B 112 -3.48 -24.27 -14.24
N PHE B 113 -3.65 -24.68 -12.99
CA PHE B 113 -2.64 -24.37 -11.97
C PHE B 113 -1.26 -24.89 -12.33
N LYS B 114 -1.17 -26.06 -12.97
CA LYS B 114 0.14 -26.62 -13.28
C LYS B 114 0.92 -25.72 -14.24
N ASP B 115 0.22 -24.87 -15.00
CA ASP B 115 0.84 -23.98 -15.98
C ASP B 115 0.72 -22.52 -15.53
N MET B 116 0.53 -22.28 -14.23
CA MET B 116 0.50 -20.97 -13.63
C MET B 116 1.66 -20.84 -12.66
N TRP B 117 1.94 -19.61 -12.25
CA TRP B 117 2.91 -19.41 -11.18
C TRP B 117 2.54 -20.29 -9.99
N PRO B 118 3.52 -20.91 -9.33
CA PRO B 118 3.18 -21.83 -8.24
C PRO B 118 2.41 -21.20 -7.08
N ASP B 119 2.61 -19.90 -6.82
CA ASP B 119 1.88 -19.30 -5.72
C ASP B 119 0.39 -19.18 -5.99
N ASP B 120 -0.01 -19.19 -7.26
CA ASP B 120 -1.42 -19.01 -7.56
C ASP B 120 -2.26 -20.13 -6.97
N SER B 121 -1.68 -21.32 -6.81
CA SER B 121 -2.37 -22.43 -6.16
C SER B 121 -2.85 -22.07 -4.76
N TYR B 122 -2.16 -21.16 -4.09
CA TYR B 122 -2.51 -20.80 -2.73
C TYR B 122 -3.53 -19.67 -2.69
N TRP B 123 -3.34 -18.61 -3.47
CA TRP B 123 -4.20 -17.44 -3.32
C TRP B 123 -5.36 -17.41 -4.31
N PHE B 124 -5.21 -18.04 -5.47
CA PHE B 124 -6.29 -18.01 -6.45
C PHE B 124 -7.57 -18.59 -5.87
N PRO B 125 -7.52 -19.64 -5.04
CA PRO B 125 -8.76 -20.12 -4.41
C PRO B 125 -9.47 -19.06 -3.59
N LEU B 126 -8.74 -18.13 -2.96
CA LEU B 126 -9.40 -17.06 -2.24
C LEU B 126 -10.07 -16.09 -3.19
N LEU B 127 -9.40 -15.73 -4.29
CA LEU B 127 -10.02 -14.90 -5.31
C LEU B 127 -11.32 -15.52 -5.80
N LEU B 128 -11.34 -16.83 -6.06
CA LEU B 128 -12.55 -17.46 -6.59
C LEU B 128 -13.69 -17.43 -5.58
N GLN B 129 -13.38 -17.43 -4.28
CA GLN B 129 -14.38 -17.31 -3.22
C GLN B 129 -14.79 -15.88 -2.94
N LYS B 130 -14.24 -14.90 -3.67
CA LYS B 130 -14.53 -13.50 -3.43
C LYS B 130 -14.09 -13.06 -2.04
N LYS B 131 -12.99 -13.63 -1.55
CA LYS B 131 -12.39 -13.24 -0.29
C LYS B 131 -11.18 -12.36 -0.56
N LYS B 132 -11.07 -11.27 0.19
CA LYS B 132 -9.97 -10.34 0.03
C LYS B 132 -8.76 -10.86 0.79
N PHE B 133 -7.58 -10.63 0.25
CA PHE B 133 -6.41 -11.27 0.81
C PHE B 133 -5.15 -10.42 0.71
N HIS B 134 -4.20 -10.72 1.60
CA HIS B 134 -2.83 -10.24 1.51
CA HIS B 134 -2.83 -10.24 1.48
C HIS B 134 -1.92 -11.46 1.51
N GLY B 135 -0.94 -11.47 0.61
CA GLY B 135 0.02 -12.55 0.56
C GLY B 135 1.44 -12.03 0.41
N TYR B 136 2.38 -12.93 0.71
CA TYR B 136 3.80 -12.72 0.50
C TYR B 136 4.38 -14.06 0.09
N PHE B 137 5.21 -14.08 -0.95
CA PHE B 137 5.86 -15.29 -1.43
C PHE B 137 7.32 -15.00 -1.73
N LYS B 138 8.20 -15.82 -1.16
CA LYS B 138 9.62 -15.80 -1.48
C LYS B 138 9.94 -16.96 -2.41
N PHE B 139 10.48 -16.64 -3.59
CA PHE B 139 10.82 -17.60 -4.61
C PHE B 139 12.33 -17.74 -4.77
N GLN B 140 12.80 -18.95 -5.02
N GLN B 140 12.75 -18.98 -4.97
CA GLN B 140 14.15 -19.16 -5.54
CA GLN B 140 14.04 -19.33 -5.58
C GLN B 140 13.99 -19.61 -6.99
C GLN B 140 13.77 -19.58 -7.06
N GLY B 141 14.27 -18.70 -7.93
CA GLY B 141 13.97 -18.92 -9.33
C GLY B 141 12.47 -18.82 -9.55
N GLN B 142 11.98 -19.49 -10.58
CA GLN B 142 10.57 -19.34 -10.93
C GLN B 142 9.69 -20.50 -10.47
N ASP B 143 10.28 -21.54 -9.88
CA ASP B 143 9.53 -22.75 -9.60
C ASP B 143 9.36 -23.07 -8.13
N THR B 144 10.15 -22.47 -7.24
CA THR B 144 10.28 -22.96 -5.88
C THR B 144 9.96 -21.87 -4.88
N ILE B 145 8.95 -22.11 -4.07
CA ILE B 145 8.61 -21.21 -2.97
C ILE B 145 9.36 -21.67 -1.74
N LEU B 146 10.07 -20.75 -1.09
CA LEU B 146 10.82 -21.04 0.13
C LEU B 146 10.08 -20.64 1.40
N ASP B 147 9.20 -19.64 1.31
CA ASP B 147 8.45 -19.14 2.44
C ASP B 147 7.29 -18.35 1.87
N TYR B 148 6.17 -18.35 2.59
CA TYR B 148 5.03 -17.56 2.17
C TYR B 148 4.11 -17.33 3.35
N THR B 149 3.30 -16.29 3.24
CA THR B 149 2.21 -16.02 4.16
C THR B 149 0.99 -15.62 3.32
N LEU B 150 -0.17 -15.97 3.83
CA LEU B 150 -1.41 -15.64 3.17
C LEU B 150 -2.48 -15.47 4.21
N ARG B 151 -3.22 -14.36 4.14
N ARG B 151 -3.24 -14.38 4.15
CA ARG B 151 -4.27 -14.06 5.09
CA ARG B 151 -4.33 -14.23 5.10
C ARG B 151 -5.47 -13.47 4.36
C ARG B 151 -5.44 -13.39 4.50
N GLU B 152 -6.65 -13.73 4.92
CA GLU B 152 -7.85 -13.03 4.52
C GLU B 152 -7.90 -11.74 5.33
N VAL B 153 -8.30 -10.66 4.65
CA VAL B 153 -8.39 -9.35 5.27
C VAL B 153 -9.78 -8.79 5.02
N ASP B 154 -10.18 -7.85 5.87
CA ASP B 154 -11.46 -7.17 5.70
C ASP B 154 -11.40 -6.14 4.58
N THR B 155 -10.28 -5.43 4.48
CA THR B 155 -10.04 -4.48 3.40
C THR B 155 -8.65 -4.75 2.83
N VAL B 156 -8.52 -4.59 1.52
CA VAL B 156 -7.24 -4.85 0.87
C VAL B 156 -6.30 -3.68 1.09
MN MN C . 11.14 7.74 13.52
MN MN D . 12.01 5.14 15.01
MN MN E . 12.97 2.21 13.06
PG 8DG F . 15.87 6.04 12.59
O1G 8DG F . 15.21 5.90 13.94
O2G 8DG F . 16.47 4.76 12.07
O3G 8DG F . 16.77 7.24 12.44
O3B 8DG F . 14.68 6.39 11.57
PB 8DG F . 13.18 5.80 11.69
O1B 8DG F . 12.55 6.28 12.97
O2B 8DG F . 13.21 4.32 11.36
O3A 8DG F . 12.53 6.53 10.41
PA 8DG F . 12.24 8.12 10.34
O1A 8DG F . 13.43 8.82 9.74
O2A 8DG F . 11.67 8.51 11.69
O5' 8DG F . 11.07 8.07 9.24
C5' 8DG F . 10.48 9.28 8.78
C4' 8DG F . 9.24 9.56 9.60
O4' 8DG F . 8.66 10.80 9.21
C3' 8DG F . 8.14 8.53 9.40
O3' 8DG F . 7.27 8.58 10.54
C2' 8DG F . 7.43 9.08 8.18
C1' 8DG F . 7.42 10.55 8.54
N9 8DG F . 7.34 11.50 7.41
C8 8DG F . 8.09 11.61 6.33
N7 8DG F . 7.74 12.64 5.54
C5 8DG F . 6.72 13.26 6.23
C6 8DG F . 5.86 14.45 6.01
O6 8DG F . 5.99 15.19 5.01
N1 8DG F . 4.92 14.72 6.95
C2 8DG F . 4.79 13.97 8.07
N2 8DG F . 3.84 14.31 8.97
N3 8DG F . 5.56 12.88 8.31
C4 8DG F . 6.50 12.53 7.40
O8 8DG F . 9.01 10.75 6.04
OP3 8OG G . 12.75 6.77 10.61
P 8OG G . 12.29 8.20 10.37
OP1 8OG G . 13.30 9.05 9.65
OP2 8OG G . 11.66 8.82 11.58
O5' 8OG G . 11.09 8.03 9.32
C5' 8OG G . 10.49 9.20 8.79
C4' 8OG G . 9.24 9.53 9.57
O4' 8OG G . 8.72 10.78 9.11
C3' 8OG G . 8.12 8.52 9.35
O3' 8OG G . 7.28 8.56 10.51
C2' 8OG G . 7.37 9.10 8.17
C1' 8OG G . 7.43 10.57 8.52
N9 8OG G . 7.32 11.54 7.41
C8 8OG G . 8.06 11.66 6.32
N7 8OG G . 7.69 12.69 5.54
C5 8OG G . 6.69 13.29 6.23
C6 8OG G . 5.87 14.40 6.01
O6 8OG G . 6.01 15.12 4.99
N1 8OG G . 4.94 14.69 6.92
C2 8OG G . 4.78 13.98 8.06
N2 8OG G . 3.83 14.35 8.92
N3 8OG G . 5.54 12.89 8.31
C4 8OG G . 6.48 12.56 7.39
O8 8OG G . 8.99 10.83 5.99
PG 8DG H . 6.52 -5.17 -20.04
O1G 8DG H . 5.39 -4.35 -20.59
O2G 8DG H . 6.39 -6.64 -20.32
O3G 8DG H . 7.89 -4.60 -20.31
O3B 8DG H . 6.32 -5.05 -18.44
PB 8DG H . 4.84 -5.12 -17.81
O1B 8DG H . 4.47 -3.70 -17.43
O2B 8DG H . 3.95 -5.92 -18.73
O3A 8DG H . 5.12 -5.93 -16.45
PA 8DG H . 5.04 -7.54 -16.34
O1A 8DG H . 3.98 -8.05 -17.29
O2A 8DG H . 6.45 -8.09 -16.38
O5' 8DG H . 4.48 -7.65 -14.85
C5' 8DG H . 4.41 -8.92 -14.20
C4' 8DG H . 2.97 -9.36 -14.17
O4' 8DG H . 2.88 -10.64 -13.55
C3' 8DG H . 2.10 -8.45 -13.32
O3' 8DG H . 0.76 -8.60 -13.77
C2' 8DG H . 2.23 -9.05 -11.93
C1' 8DG H . 2.21 -10.53 -12.28
N9 8DG H . 2.88 -11.45 -11.35
C8 8DG H . 4.11 -11.45 -10.83
N7 8DG H . 4.37 -12.51 -10.06
C5 8DG H . 3.23 -13.25 -10.12
C6 8DG H . 2.79 -14.54 -9.54
O6 8DG H . 3.55 -15.23 -8.80
N1 8DG H . 1.55 -14.97 -9.84
C2 8DG H . 0.73 -14.26 -10.65
N2 8DG H . -0.50 -14.74 -10.92
N3 8DG H . 1.10 -13.09 -11.20
C4 8DG H . 2.33 -12.59 -10.95
O8 8DG H . 4.93 -10.48 -11.04
OP3 8OG I . 5.07 -6.14 -16.74
P 8OG I . 5.07 -7.60 -16.39
OP1 8OG I . 4.11 -8.42 -17.23
OP2 8OG I . 6.42 -8.24 -16.25
O5' 8OG I . 4.44 -7.63 -14.92
C5' 8OG I . 4.42 -8.86 -14.22
C4' 8OG I . 2.98 -9.35 -14.15
O4' 8OG I . 2.97 -10.62 -13.52
C3' 8OG I . 2.10 -8.45 -13.29
O3' 8OG I . 0.77 -8.59 -13.77
C2' 8OG I . 2.22 -9.07 -11.92
C1' 8OG I . 2.23 -10.55 -12.30
N9 8OG I . 2.88 -11.48 -11.35
C8 8OG I . 4.10 -11.48 -10.82
N7 8OG I . 4.35 -12.54 -10.04
C5 8OG I . 3.21 -13.28 -10.11
C6 8OG I . 2.80 -14.49 -9.55
O6 8OG I . 3.56 -15.15 -8.80
N1 8OG I . 1.57 -14.93 -9.83
C2 8OG I . 0.74 -14.27 -10.64
N2 8OG I . -0.48 -14.78 -10.90
N3 8OG I . 1.09 -13.10 -11.20
C4 8OG I . 2.33 -12.61 -10.94
O8 8OG I . 4.93 -10.52 -11.02
MN MN J . 2.34 -7.48 -18.43
MN MN K . 1.94 -4.79 -20.00
MN MN L . 3.51 -2.03 -18.93
#